data_3HVN
#
_entry.id   3HVN
#
_cell.length_a   95.720
_cell.length_b   95.720
_cell.length_c   117.046
_cell.angle_alpha   90.00
_cell.angle_beta   90.00
_cell.angle_gamma   120.00
#
_symmetry.space_group_name_H-M   'P 31 2 1'
#
loop_
_entity.id
_entity.type
_entity.pdbx_description
1 polymer Hemolysin
2 non-polymer 1,1,1,3,3,3-hexafluoropropan-2-ol
3 non-polymer HEPTANE-1,2,3-TRIOL
4 water water
#
_entity_poly.entity_id   1
_entity_poly.type   'polypeptide(L)'
_entity_poly.pdbx_seq_one_letter_code
;GPLGSRKSSHLILSSIVSLALVGVTPLSVLADSKQDINQYFQSLTYEPQEILTNEGEYIDNPPATTGMLENGRFVVLRRE
KKNITNNSADIAVIDAKAANIYPGALLRADQNLLDNNPTLISIARGDLTLSLNLPGLANGDSHTVVNSPTRSTVRTGVNN
LLSKWNNTYAGEYGNTQAELQYDETMAYSMSQLKTKFGTSFEKIAVPLDINFDAVNSGEKQVQIVNFKQIYYTVSVDEPE
SPSKLFAEGTTVEDLKRNGITDEVPPVYVSSVSYGRSMFIKLETSSRSTQVQAAFKAAIKGVDISGNAEYQDILKNTSFS
AYIFGGDAGSAATVVSGNIETLKKIIEEGARYGKLNLGVPISYSTNFVKDNRPAQILSNSEYIETTSTVHNSSALTLDHS
GAYVAKYNITWEEVSYNEAGEEVWEPKAWDKNGVNLTSHWSETIQIPGNARNLHVNIQECTGLAWEWWRTVYDKDLPLVG
QRKITIWGTTLYPQYADEVIELERPHRD
;
_entity_poly.pdbx_strand_id   A
#
loop_
_chem_comp.id
_chem_comp.type
_chem_comp.name
_chem_comp.formula
CFH non-polymer 1,1,1,3,3,3-hexafluoropropan-2-ol 'C3 H2 F6 O'
HTO non-polymer HEPTANE-1,2,3-TRIOL 'C7 H16 O3'
#
# COMPACT_ATOMS: atom_id res chain seq x y z
N ASP A 36 -34.75 28.27 -23.76
CA ASP A 36 -33.36 27.91 -23.99
C ASP A 36 -32.84 26.99 -22.90
N ILE A 37 -32.04 26.00 -23.29
CA ILE A 37 -31.51 25.01 -22.36
C ILE A 37 -30.38 25.60 -21.50
N ASN A 38 -29.46 26.29 -22.14
CA ASN A 38 -28.33 26.89 -21.45
C ASN A 38 -28.77 27.73 -20.26
N GLN A 39 -29.88 28.44 -20.42
CA GLN A 39 -30.44 29.26 -19.35
C GLN A 39 -30.85 28.39 -18.17
N TYR A 40 -31.53 27.29 -18.46
CA TYR A 40 -31.93 26.34 -17.42
C TYR A 40 -30.72 25.73 -16.76
N PHE A 41 -29.70 25.40 -17.55
CA PHE A 41 -28.45 24.88 -17.00
C PHE A 41 -27.80 25.90 -16.07
N GLN A 42 -27.84 27.17 -16.48
CA GLN A 42 -27.30 28.25 -15.67
C GLN A 42 -28.13 28.44 -14.41
N SER A 43 -29.43 28.16 -14.50
CA SER A 43 -30.32 28.28 -13.37
C SER A 43 -30.17 27.11 -12.40
N LEU A 44 -29.72 25.97 -12.93
CA LEU A 44 -29.49 24.78 -12.11
C LEU A 44 -28.62 25.11 -10.91
N THR A 45 -29.19 24.92 -9.71
CA THR A 45 -28.49 25.23 -8.48
C THR A 45 -28.29 23.99 -7.61
N TYR A 46 -27.16 23.31 -7.81
CA TYR A 46 -26.84 22.13 -7.03
C TYR A 46 -25.42 22.22 -6.46
N GLU A 47 -25.10 21.30 -5.56
CA GLU A 47 -23.77 21.26 -4.96
C GLU A 47 -23.04 19.97 -5.35
N PRO A 48 -22.22 20.06 -6.40
CA PRO A 48 -21.50 18.94 -7.02
C PRO A 48 -20.71 18.10 -6.01
N GLN A 49 -19.90 18.75 -5.18
CA GLN A 49 -19.05 18.03 -4.24
C GLN A 49 -19.85 17.28 -3.18
N GLU A 50 -20.93 17.89 -2.72
CA GLU A 50 -21.74 17.31 -1.67
C GLU A 50 -22.59 16.14 -2.16
N ILE A 51 -22.76 16.05 -3.48
CA ILE A 51 -23.54 14.97 -4.08
C ILE A 51 -22.63 13.83 -4.54
N LEU A 52 -21.32 14.03 -4.40
CA LEU A 52 -20.34 13.01 -4.74
C LEU A 52 -19.48 12.69 -3.52
N THR A 53 -20.12 12.51 -2.38
CA THR A 53 -19.42 12.30 -1.12
C THR A 53 -19.62 10.91 -0.54
N ASN A 54 -18.57 10.36 0.06
CA ASN A 54 -18.64 9.06 0.70
C ASN A 54 -18.11 9.10 2.13
N GLU A 55 -19.03 9.16 3.09
CA GLU A 55 -18.67 9.18 4.51
C GLU A 55 -18.41 7.77 5.00
N GLY A 56 -18.42 7.59 6.32
CA GLY A 56 -18.23 6.27 6.91
C GLY A 56 -16.97 6.18 7.75
N GLU A 57 -17.15 6.20 9.07
CA GLU A 57 -16.03 6.06 9.99
C GLU A 57 -16.10 4.73 10.73
N TYR A 58 -17.04 4.62 11.68
CA TYR A 58 -17.20 3.40 12.46
C TYR A 58 -15.86 2.77 12.82
N ILE A 59 -15.13 3.42 13.73
CA ILE A 59 -13.79 2.98 14.08
C ILE A 59 -13.66 2.63 15.55
N ASP A 60 -14.45 3.30 16.39
CA ASP A 60 -14.37 3.11 17.84
C ASP A 60 -12.95 3.39 18.34
N ASN A 61 -12.48 2.56 19.26
CA ASN A 61 -11.12 2.68 19.77
C ASN A 61 -10.40 1.35 19.76
N PRO A 62 -9.18 1.32 19.22
CA PRO A 62 -8.41 0.07 19.11
C PRO A 62 -7.86 -0.39 20.46
N PRO A 63 -7.83 -1.71 20.69
CA PRO A 63 -7.28 -2.28 21.93
C PRO A 63 -5.87 -1.77 22.18
N ALA A 64 -5.58 -1.42 23.44
CA ALA A 64 -4.29 -0.87 23.81
C ALA A 64 -3.13 -1.72 23.29
N THR A 65 -2.04 -1.05 22.91
CA THR A 65 -0.84 -1.74 22.44
C THR A 65 -0.35 -2.72 23.50
N THR A 66 0.11 -3.88 23.07
CA THR A 66 0.52 -4.92 24.02
C THR A 66 1.86 -5.56 23.65
N GLY A 67 2.36 -6.40 24.55
CA GLY A 67 3.61 -7.10 24.33
C GLY A 67 3.47 -8.59 24.56
N MET A 68 4.08 -9.39 23.69
CA MET A 68 3.99 -10.84 23.78
C MET A 68 5.36 -11.48 23.72
N LEU A 69 5.46 -12.72 24.18
CA LEU A 69 6.69 -13.49 24.10
C LEU A 69 6.53 -14.67 23.14
N GLU A 70 7.37 -14.73 22.12
CA GLU A 70 7.30 -15.79 21.12
C GLU A 70 8.68 -16.31 20.72
N ASN A 71 8.94 -17.57 21.08
CA ASN A 71 10.17 -18.24 20.68
C ASN A 71 11.43 -17.40 20.90
N GLY A 72 11.65 -16.97 22.13
CA GLY A 72 12.83 -16.19 22.47
C GLY A 72 12.81 -14.80 21.86
N ARG A 73 11.63 -14.37 21.43
CA ARG A 73 11.45 -13.05 20.83
C ARG A 73 10.34 -12.28 21.54
N PHE A 74 10.38 -10.95 21.42
CA PHE A 74 9.36 -10.11 22.01
C PHE A 74 8.55 -9.39 20.94
N VAL A 75 7.25 -9.65 20.92
CA VAL A 75 6.35 -9.06 19.93
C VAL A 75 5.61 -7.86 20.51
N VAL A 76 6.00 -6.67 20.05
CA VAL A 76 5.33 -5.44 20.44
C VAL A 76 4.23 -5.11 19.44
N LEU A 77 2.98 -5.28 19.85
CA LEU A 77 1.84 -5.01 18.99
C LEU A 77 1.25 -3.63 19.29
N ARG A 78 1.37 -2.74 18.32
CA ARG A 78 0.83 -1.39 18.45
C ARG A 78 -0.12 -1.06 17.30
N ARG A 79 -1.41 -0.97 17.61
CA ARG A 79 -2.41 -0.63 16.61
C ARG A 79 -3.02 0.73 16.90
N GLU A 80 -2.89 1.67 15.97
CA GLU A 80 -3.41 3.02 16.18
C GLU A 80 -4.52 3.38 15.20
N LYS A 81 -5.37 4.30 15.62
CA LYS A 81 -6.51 4.73 14.82
C LYS A 81 -6.14 5.88 13.88
N LYS A 82 -6.22 5.62 12.58
CA LYS A 82 -5.91 6.63 11.58
C LYS A 82 -7.10 6.92 10.66
N ASN A 83 -6.93 7.88 9.77
CA ASN A 83 -7.98 8.25 8.82
C ASN A 83 -7.45 8.41 7.41
N ILE A 84 -8.15 7.81 6.45
CA ILE A 84 -7.77 7.96 5.04
C ILE A 84 -8.82 8.74 4.27
N THR A 85 -8.35 9.65 3.43
CA THR A 85 -9.22 10.52 2.64
C THR A 85 -8.83 10.46 1.16
N ASN A 86 -9.84 10.44 0.29
CA ASN A 86 -9.58 10.42 -1.14
C ASN A 86 -10.58 11.26 -1.92
N ASN A 87 -10.08 12.32 -2.54
CA ASN A 87 -10.90 13.21 -3.36
C ASN A 87 -10.37 13.24 -4.79
N SER A 88 -11.08 12.59 -5.71
CA SER A 88 -10.58 12.47 -7.08
C SER A 88 -11.68 12.28 -8.12
N ALA A 89 -11.43 12.79 -9.32
CA ALA A 89 -12.36 12.66 -10.42
C ALA A 89 -11.87 11.61 -11.42
N ASP A 90 -10.83 10.88 -11.04
CA ASP A 90 -10.29 9.81 -11.88
C ASP A 90 -10.75 8.45 -11.35
N ILE A 91 -11.78 7.91 -11.97
CA ILE A 91 -12.36 6.65 -11.52
C ILE A 91 -11.76 5.44 -12.25
N ALA A 92 -11.04 4.61 -11.50
CA ALA A 92 -10.47 3.39 -12.06
C ALA A 92 -11.53 2.28 -12.10
N VAL A 93 -11.73 1.70 -13.28
CA VAL A 93 -12.73 0.65 -13.45
C VAL A 93 -12.24 -0.67 -12.90
N ILE A 94 -13.13 -1.66 -12.85
CA ILE A 94 -12.79 -2.97 -12.32
C ILE A 94 -13.40 -4.09 -13.17
N ASP A 95 -14.71 -4.21 -13.14
CA ASP A 95 -15.41 -5.19 -13.96
C ASP A 95 -15.61 -4.67 -15.38
N ALA A 96 -14.96 -5.34 -16.33
CA ALA A 96 -15.10 -4.96 -17.74
C ALA A 96 -16.54 -5.15 -18.20
N LYS A 97 -17.30 -5.93 -17.44
CA LYS A 97 -18.70 -6.17 -17.76
C LYS A 97 -19.60 -5.11 -17.14
N ALA A 98 -19.27 -4.71 -15.91
CA ALA A 98 -20.02 -3.66 -15.23
C ALA A 98 -19.60 -2.29 -15.76
N ALA A 99 -19.20 -2.25 -17.02
CA ALA A 99 -18.71 -1.02 -17.62
C ALA A 99 -19.76 -0.36 -18.51
N ASN A 100 -20.28 0.76 -18.03
CA ASN A 100 -21.18 1.60 -18.82
C ASN A 100 -20.43 2.87 -19.22
N ILE A 101 -19.12 2.74 -19.38
CA ILE A 101 -18.25 3.88 -19.61
C ILE A 101 -17.66 3.93 -21.02
N TYR A 102 -17.83 5.06 -21.68
CA TYR A 102 -17.22 5.30 -22.98
C TYR A 102 -17.10 6.80 -23.22
N PRO A 103 -16.06 7.21 -23.98
CA PRO A 103 -15.78 8.64 -24.22
C PRO A 103 -17.01 9.39 -24.72
N GLY A 104 -17.33 10.50 -24.07
CA GLY A 104 -18.46 11.33 -24.46
C GLY A 104 -19.77 10.80 -23.92
N ALA A 105 -19.70 9.68 -23.19
CA ALA A 105 -20.88 9.06 -22.62
C ALA A 105 -21.63 10.01 -21.68
N LEU A 106 -22.92 10.18 -21.92
CA LEU A 106 -23.76 11.05 -21.09
C LEU A 106 -24.33 10.25 -19.93
N LEU A 107 -23.86 10.55 -18.72
CA LEU A 107 -24.26 9.81 -17.54
C LEU A 107 -24.95 10.70 -16.50
N ARG A 108 -25.81 10.10 -15.69
CA ARG A 108 -26.50 10.82 -14.63
C ARG A 108 -25.59 11.00 -13.42
N ALA A 109 -25.79 12.08 -12.69
CA ALA A 109 -25.01 12.35 -11.48
C ALA A 109 -25.76 11.91 -10.23
N ASP A 110 -25.63 10.64 -9.89
CA ASP A 110 -26.35 10.09 -8.73
C ASP A 110 -25.55 9.03 -7.98
N GLN A 111 -26.20 8.40 -7.01
CA GLN A 111 -25.58 7.36 -6.21
C GLN A 111 -25.00 6.26 -7.10
N ASN A 112 -25.63 6.05 -8.25
CA ASN A 112 -25.12 5.10 -9.24
C ASN A 112 -23.74 5.52 -9.73
N LEU A 113 -23.63 6.75 -10.19
CA LEU A 113 -22.35 7.31 -10.61
C LEU A 113 -21.37 7.27 -9.43
N LEU A 114 -21.88 7.49 -8.23
CA LEU A 114 -21.05 7.50 -7.04
C LEU A 114 -20.48 6.11 -6.74
N ASP A 115 -21.28 5.08 -6.99
CA ASP A 115 -20.85 3.70 -6.74
C ASP A 115 -20.20 3.07 -7.96
N ASN A 116 -19.63 3.90 -8.82
CA ASN A 116 -18.96 3.44 -10.04
C ASN A 116 -19.88 2.56 -10.89
N ASN A 117 -21.18 2.81 -10.78
CA ASN A 117 -22.18 2.10 -11.58
C ASN A 117 -23.22 3.07 -12.12
N PRO A 118 -22.77 4.04 -12.94
CA PRO A 118 -23.57 5.17 -13.41
C PRO A 118 -24.75 4.75 -14.29
N THR A 119 -25.68 5.69 -14.50
CA THR A 119 -26.81 5.47 -15.38
C THR A 119 -26.66 6.30 -16.66
N LEU A 120 -26.77 5.65 -17.80
CA LEU A 120 -26.59 6.31 -19.09
C LEU A 120 -27.87 7.01 -19.54
N ILE A 121 -27.72 8.21 -20.09
CA ILE A 121 -28.86 8.96 -20.63
C ILE A 121 -28.89 8.86 -22.15
N SER A 122 -29.66 7.90 -22.66
CA SER A 122 -29.76 7.68 -24.10
C SER A 122 -30.72 8.67 -24.75
N ILE A 123 -30.23 9.87 -25.02
CA ILE A 123 -31.03 10.91 -25.65
C ILE A 123 -30.37 11.34 -26.96
N ALA A 124 -31.08 12.10 -27.77
CA ALA A 124 -30.52 12.64 -29.00
C ALA A 124 -29.23 13.39 -28.70
N ARG A 125 -28.11 12.80 -29.14
CA ARG A 125 -26.80 13.34 -28.82
C ARG A 125 -26.31 14.35 -29.85
N GLY A 126 -25.61 15.38 -29.39
CA GLY A 126 -25.04 16.38 -30.27
C GLY A 126 -23.66 15.99 -30.74
N ASP A 127 -23.39 16.18 -32.03
CA ASP A 127 -22.10 15.82 -32.60
C ASP A 127 -20.95 16.42 -31.81
N LEU A 128 -19.97 15.59 -31.46
CA LEU A 128 -18.84 16.06 -30.66
C LEU A 128 -17.50 15.52 -31.18
N THR A 129 -16.42 16.23 -30.87
CA THR A 129 -15.10 15.87 -31.38
C THR A 129 -14.27 15.10 -30.36
N LEU A 130 -13.70 13.98 -30.81
CA LEU A 130 -12.86 13.15 -29.95
C LEU A 130 -11.39 13.18 -30.39
N SER A 131 -10.50 12.99 -29.44
CA SER A 131 -9.06 12.98 -29.72
C SER A 131 -8.39 11.78 -29.06
N LEU A 132 -7.31 11.30 -29.68
CA LEU A 132 -6.58 10.15 -29.17
C LEU A 132 -5.22 10.54 -28.62
N ASN A 133 -5.11 10.58 -27.29
CA ASN A 133 -3.86 10.90 -26.64
C ASN A 133 -3.03 9.65 -26.32
N LEU A 134 -1.74 9.73 -26.58
CA LEU A 134 -0.84 8.62 -26.27
C LEU A 134 0.21 9.06 -25.24
N PRO A 135 0.74 8.09 -24.48
CA PRO A 135 1.69 8.36 -23.38
C PRO A 135 2.77 9.37 -23.75
N GLY A 136 3.67 8.98 -24.65
CA GLY A 136 4.76 9.85 -25.03
C GLY A 136 5.03 9.84 -26.53
N LEU A 137 3.96 9.97 -27.32
CA LEU A 137 4.09 9.98 -28.77
C LEU A 137 4.23 11.40 -29.32
N ALA A 138 5.15 12.16 -28.75
CA ALA A 138 5.41 13.52 -29.19
C ALA A 138 4.11 14.29 -29.46
N ASN A 139 3.94 14.76 -30.68
CA ASN A 139 2.73 15.47 -31.08
C ASN A 139 1.83 14.62 -31.96
N GLY A 140 1.14 13.66 -31.35
CA GLY A 140 0.18 12.84 -32.06
C GLY A 140 -1.20 13.43 -31.97
N ASP A 141 -1.90 13.13 -30.88
CA ASP A 141 -3.19 13.72 -30.58
C ASP A 141 -4.10 13.76 -31.80
N SER A 142 -4.33 12.60 -32.41
CA SER A 142 -5.19 12.50 -33.58
C SER A 142 -6.62 12.91 -33.23
N HIS A 143 -7.23 13.74 -34.08
CA HIS A 143 -8.58 14.23 -33.84
C HIS A 143 -9.59 13.65 -34.82
N THR A 144 -10.81 13.47 -34.36
CA THR A 144 -11.89 12.98 -35.22
C THR A 144 -13.26 13.50 -34.77
N VAL A 145 -14.13 13.74 -35.75
CA VAL A 145 -15.48 14.22 -35.47
C VAL A 145 -16.42 13.05 -35.24
N VAL A 146 -17.39 13.24 -34.36
CA VAL A 146 -18.34 12.19 -34.02
C VAL A 146 -19.79 12.67 -34.12
N ASN A 147 -20.54 12.07 -35.04
CA ASN A 147 -21.95 12.39 -35.22
C ASN A 147 -22.84 11.45 -34.42
N SER A 148 -24.00 11.94 -34.00
CA SER A 148 -24.93 11.17 -33.19
C SER A 148 -24.19 10.24 -32.23
N PRO A 149 -23.42 10.83 -31.31
CA PRO A 149 -22.55 10.11 -30.37
C PRO A 149 -23.21 8.92 -29.71
N THR A 150 -22.51 7.79 -29.71
CA THR A 150 -22.98 6.56 -29.08
C THR A 150 -21.86 5.55 -29.07
N ARG A 151 -22.03 4.47 -28.29
CA ARG A 151 -21.00 3.44 -28.18
C ARG A 151 -20.48 3.01 -29.55
N SER A 152 -21.41 2.77 -30.48
CA SER A 152 -21.05 2.34 -31.83
C SER A 152 -20.22 3.38 -32.57
N THR A 153 -20.75 4.60 -32.66
CA THR A 153 -20.07 5.68 -33.36
C THR A 153 -18.70 5.95 -32.76
N VAL A 154 -18.67 6.14 -31.44
CA VAL A 154 -17.40 6.34 -30.73
C VAL A 154 -16.44 5.20 -31.02
N ARG A 155 -16.94 3.97 -30.88
CA ARG A 155 -16.16 2.79 -31.19
C ARG A 155 -15.57 2.90 -32.60
N THR A 156 -16.38 3.40 -33.54
CA THR A 156 -15.94 3.55 -34.92
C THR A 156 -14.85 4.61 -35.04
N GLY A 157 -15.05 5.74 -34.38
CA GLY A 157 -14.05 6.80 -34.38
C GLY A 157 -12.74 6.29 -33.83
N VAL A 158 -12.80 5.75 -32.61
CA VAL A 158 -11.62 5.15 -31.98
C VAL A 158 -11.02 4.11 -32.91
N ASN A 159 -11.88 3.42 -33.65
CA ASN A 159 -11.44 2.41 -34.61
C ASN A 159 -10.62 3.01 -35.75
N ASN A 160 -11.15 4.07 -36.37
CA ASN A 160 -10.42 4.73 -37.44
C ASN A 160 -9.15 5.39 -36.92
N LEU A 161 -9.21 5.85 -35.67
CA LEU A 161 -8.02 6.42 -35.02
C LEU A 161 -6.95 5.33 -34.85
N LEU A 162 -7.23 4.37 -33.98
CA LEU A 162 -6.30 3.28 -33.72
C LEU A 162 -5.84 2.60 -35.02
N SER A 163 -6.74 2.53 -35.99
CA SER A 163 -6.41 1.92 -37.28
C SER A 163 -5.44 2.82 -38.04
N LYS A 164 -5.72 4.12 -38.03
CA LYS A 164 -4.83 5.09 -38.67
C LYS A 164 -3.46 5.10 -37.98
N TRP A 165 -3.45 4.72 -36.70
CA TRP A 165 -2.22 4.67 -35.93
C TRP A 165 -1.42 3.39 -36.21
N ASN A 166 -2.09 2.24 -36.12
CA ASN A 166 -1.43 0.95 -36.33
C ASN A 166 -1.12 0.69 -37.81
N ASN A 167 -1.87 1.35 -38.69
CA ASN A 167 -1.71 1.15 -40.12
C ASN A 167 -0.27 1.36 -40.61
N THR A 168 0.42 2.31 -39.99
CA THR A 168 1.80 2.62 -40.40
C THR A 168 2.76 2.63 -39.21
N TYR A 169 2.37 3.32 -38.15
CA TYR A 169 3.22 3.43 -36.96
C TYR A 169 3.55 2.06 -36.35
N ALA A 170 4.81 1.88 -35.96
CA ALA A 170 5.24 0.64 -35.34
C ALA A 170 4.85 0.59 -33.87
N GLY A 171 3.55 0.49 -33.61
CA GLY A 171 3.05 0.45 -32.25
C GLY A 171 1.89 -0.51 -32.09
N GLU A 172 1.94 -1.62 -32.80
CA GLU A 172 0.89 -2.64 -32.71
C GLU A 172 0.98 -3.40 -31.39
N TYR A 173 1.98 -4.26 -31.26
CA TYR A 173 2.19 -5.01 -30.03
C TYR A 173 3.17 -4.30 -29.11
N GLY A 174 2.65 -3.33 -28.35
CA GLY A 174 3.48 -2.56 -27.43
C GLY A 174 3.83 -1.20 -27.98
N ASN A 175 4.12 -0.26 -27.08
CA ASN A 175 4.47 1.10 -27.48
C ASN A 175 5.43 1.76 -26.48
N THR A 176 6.72 1.50 -26.64
CA THR A 176 7.75 2.07 -25.78
C THR A 176 7.43 1.84 -24.31
N GLN A 177 7.01 2.90 -23.62
CA GLN A 177 6.66 2.80 -22.20
C GLN A 177 5.29 3.40 -21.94
N ALA A 178 4.27 2.55 -21.96
CA ALA A 178 2.90 2.97 -21.67
C ALA A 178 2.86 3.66 -20.30
N GLU A 179 1.86 4.51 -20.09
CA GLU A 179 1.78 5.27 -18.85
C GLU A 179 1.53 4.37 -17.65
N LEU A 180 2.52 4.29 -16.75
CA LEU A 180 2.41 3.48 -15.56
C LEU A 180 1.73 4.23 -14.42
N GLN A 181 0.51 3.83 -14.09
CA GLN A 181 -0.21 4.43 -12.97
C GLN A 181 -0.15 3.48 -11.78
N TYR A 182 0.81 3.74 -10.88
CA TYR A 182 1.08 2.86 -9.75
C TYR A 182 0.42 3.38 -8.48
N ASP A 183 -0.49 2.58 -7.91
CA ASP A 183 -1.19 2.99 -6.70
C ASP A 183 -1.05 1.96 -5.58
N GLU A 184 -0.02 2.11 -4.76
CA GLU A 184 0.24 1.16 -3.68
C GLU A 184 -0.40 1.58 -2.36
N THR A 185 -0.62 0.61 -1.47
CA THR A 185 -1.11 0.90 -0.13
C THR A 185 -1.18 -0.36 0.73
N MET A 186 -0.65 -0.26 1.95
CA MET A 186 -0.71 -1.38 2.89
C MET A 186 -2.16 -1.65 3.29
N ALA A 187 -2.52 -2.93 3.38
CA ALA A 187 -3.90 -3.30 3.70
C ALA A 187 -4.16 -3.33 5.19
N TYR A 188 -5.21 -2.64 5.62
CA TYR A 188 -5.61 -2.61 7.02
C TYR A 188 -7.11 -2.71 7.19
N SER A 189 -7.86 -2.12 6.26
CA SER A 189 -9.32 -2.11 6.35
C SER A 189 -9.99 -2.13 4.98
N MET A 190 -10.99 -3.01 4.84
CA MET A 190 -11.76 -3.10 3.61
C MET A 190 -12.28 -1.72 3.21
N SER A 191 -12.71 -0.95 4.20
CA SER A 191 -13.23 0.40 3.95
C SER A 191 -12.14 1.34 3.46
N GLN A 192 -10.99 1.32 4.13
CA GLN A 192 -9.89 2.19 3.75
C GLN A 192 -9.38 1.82 2.35
N LEU A 193 -9.43 0.53 2.02
CA LEU A 193 -9.14 0.10 0.66
C LEU A 193 -10.23 0.60 -0.28
N LYS A 194 -11.47 0.56 0.20
CA LYS A 194 -12.61 1.08 -0.54
C LYS A 194 -12.45 2.57 -0.80
N THR A 195 -11.65 3.22 0.03
CA THR A 195 -11.36 4.63 -0.14
C THR A 195 -10.16 4.82 -1.06
N LYS A 196 -9.19 3.93 -0.94
CA LYS A 196 -7.98 4.00 -1.75
C LYS A 196 -8.24 3.63 -3.20
N PHE A 197 -9.28 2.83 -3.44
CA PHE A 197 -9.58 2.38 -4.80
C PHE A 197 -11.03 2.61 -5.21
N GLY A 198 -11.93 2.62 -4.25
CA GLY A 198 -13.34 2.85 -4.54
C GLY A 198 -14.23 1.71 -4.08
N THR A 199 -15.41 1.64 -4.65
CA THR A 199 -16.41 0.66 -4.22
C THR A 199 -16.45 -0.59 -5.11
N SER A 200 -15.29 -0.96 -5.65
CA SER A 200 -15.18 -2.15 -6.50
C SER A 200 -14.15 -3.12 -5.91
N PHE A 201 -13.34 -2.62 -4.98
CA PHE A 201 -12.40 -3.46 -4.26
C PHE A 201 -13.24 -4.39 -3.41
N GLU A 202 -14.46 -3.96 -3.14
CA GLU A 202 -15.45 -4.80 -2.48
C GLU A 202 -15.81 -5.95 -3.42
N LYS A 203 -15.63 -5.71 -4.72
CA LYS A 203 -15.95 -6.71 -5.74
C LYS A 203 -14.76 -7.62 -6.04
N ILE A 204 -13.55 -7.05 -6.05
CA ILE A 204 -12.34 -7.86 -6.29
C ILE A 204 -11.74 -8.44 -5.00
N ALA A 205 -12.35 -8.09 -3.87
CA ALA A 205 -11.88 -8.54 -2.56
C ALA A 205 -11.77 -10.05 -2.47
N VAL A 206 -12.84 -10.75 -2.87
CA VAL A 206 -12.85 -12.20 -2.81
C VAL A 206 -11.69 -12.81 -3.61
N PRO A 207 -11.57 -12.44 -4.89
CA PRO A 207 -10.43 -12.94 -5.68
C PRO A 207 -9.10 -12.56 -5.06
N LEU A 208 -8.97 -11.31 -4.61
CA LEU A 208 -7.70 -10.85 -4.03
C LEU A 208 -7.35 -11.59 -2.73
N ASP A 209 -8.35 -12.03 -2.00
CA ASP A 209 -8.14 -12.76 -0.75
C ASP A 209 -7.22 -11.98 0.20
N ILE A 210 -7.79 -11.01 0.90
CA ILE A 210 -7.02 -10.19 1.84
C ILE A 210 -7.25 -10.67 3.27
N ASN A 211 -6.17 -10.75 4.05
CA ASN A 211 -6.25 -11.27 5.41
C ASN A 211 -6.23 -10.18 6.49
N PHE A 212 -7.33 -9.44 6.58
CA PHE A 212 -7.46 -8.35 7.54
C PHE A 212 -7.30 -8.84 8.98
N ASP A 213 -7.86 -10.00 9.27
CA ASP A 213 -7.73 -10.59 10.60
C ASP A 213 -6.28 -10.86 10.94
N ALA A 214 -5.55 -11.45 9.99
CA ALA A 214 -4.14 -11.72 10.16
C ALA A 214 -3.34 -10.43 10.32
N VAL A 215 -3.59 -9.48 9.42
CA VAL A 215 -2.92 -8.18 9.51
C VAL A 215 -3.17 -7.54 10.88
N ASN A 216 -4.41 -7.57 11.32
CA ASN A 216 -4.78 -7.03 12.63
C ASN A 216 -4.08 -7.77 13.76
N SER A 217 -4.03 -9.09 13.66
CA SER A 217 -3.36 -9.90 14.67
C SER A 217 -1.86 -9.63 14.66
N GLY A 218 -1.34 -9.21 13.51
CA GLY A 218 0.06 -8.86 13.40
C GLY A 218 0.92 -9.98 12.86
N GLU A 219 0.28 -11.06 12.40
CA GLU A 219 1.00 -12.20 11.85
C GLU A 219 1.57 -11.88 10.48
N LYS A 220 0.69 -11.71 9.50
CA LYS A 220 1.10 -11.42 8.13
C LYS A 220 1.07 -9.92 7.85
N GLN A 221 1.80 -9.51 6.82
CA GLN A 221 1.75 -8.13 6.35
C GLN A 221 1.46 -8.13 4.85
N VAL A 222 0.45 -7.38 4.44
CA VAL A 222 0.00 -7.37 3.06
C VAL A 222 -0.17 -5.97 2.47
N GLN A 223 0.33 -5.79 1.26
CA GLN A 223 0.18 -4.54 0.53
C GLN A 223 -0.61 -4.76 -0.76
N ILE A 224 -1.52 -3.84 -1.04
CA ILE A 224 -2.27 -3.86 -2.29
C ILE A 224 -1.73 -2.82 -3.25
N VAL A 225 -1.57 -3.23 -4.51
CA VAL A 225 -1.03 -2.35 -5.53
C VAL A 225 -1.90 -2.31 -6.78
N ASN A 226 -2.47 -1.15 -7.07
CA ASN A 226 -3.15 -0.94 -8.34
C ASN A 226 -2.13 -0.54 -9.39
N PHE A 227 -1.71 -1.52 -10.18
CA PHE A 227 -0.77 -1.29 -11.26
C PHE A 227 -1.54 -1.08 -12.56
N LYS A 228 -1.67 0.18 -12.96
CA LYS A 228 -2.29 0.51 -14.24
C LYS A 228 -1.23 0.74 -15.30
N GLN A 229 -1.53 0.30 -16.52
CA GLN A 229 -0.60 0.42 -17.63
C GLN A 229 -1.34 0.97 -18.83
N ILE A 230 -1.49 2.28 -18.89
CA ILE A 230 -2.29 2.90 -19.94
C ILE A 230 -1.54 2.93 -21.27
N TYR A 231 -2.19 2.37 -22.29
CA TYR A 231 -1.65 2.37 -23.64
C TYR A 231 -2.06 3.66 -24.36
N TYR A 232 -3.33 4.03 -24.22
CA TYR A 232 -3.80 5.29 -24.80
C TYR A 232 -4.91 5.93 -23.96
N THR A 233 -5.39 7.08 -24.42
CA THR A 233 -6.38 7.84 -23.68
C THR A 233 -7.26 8.67 -24.62
N VAL A 234 -8.53 8.32 -24.70
CA VAL A 234 -9.46 9.05 -25.55
C VAL A 234 -10.03 10.26 -24.81
N SER A 235 -9.90 11.44 -25.43
CA SER A 235 -10.37 12.68 -24.85
C SER A 235 -11.54 13.25 -25.65
N VAL A 236 -12.47 13.90 -24.95
CA VAL A 236 -13.63 14.51 -25.60
C VAL A 236 -13.52 16.02 -25.54
N ASP A 237 -13.68 16.68 -26.69
CA ASP A 237 -13.63 18.13 -26.75
C ASP A 237 -14.65 18.76 -25.79
N GLU A 238 -14.16 19.54 -24.83
CA GLU A 238 -15.03 20.19 -23.86
C GLU A 238 -16.12 21.00 -24.56
N PRO A 239 -17.39 20.61 -24.36
CA PRO A 239 -18.53 21.28 -24.98
C PRO A 239 -18.59 22.76 -24.61
N GLU A 240 -18.55 23.62 -25.64
CA GLU A 240 -18.64 25.05 -25.42
C GLU A 240 -19.97 25.40 -24.75
N SER A 241 -20.97 24.56 -24.98
CA SER A 241 -22.29 24.78 -24.40
C SER A 241 -23.09 23.48 -24.30
N PRO A 242 -23.94 23.38 -23.28
CA PRO A 242 -24.85 22.23 -23.13
C PRO A 242 -25.64 22.02 -24.42
N SER A 243 -25.98 23.12 -25.08
CA SER A 243 -26.66 23.05 -26.37
C SER A 243 -25.77 22.36 -27.39
N LYS A 244 -24.49 22.74 -27.39
CA LYS A 244 -23.51 22.09 -28.26
C LYS A 244 -23.41 20.61 -27.92
N LEU A 245 -23.58 20.30 -26.64
CA LEU A 245 -23.54 18.91 -26.19
C LEU A 245 -24.74 18.12 -26.71
N PHE A 246 -25.93 18.51 -26.28
CA PHE A 246 -27.15 17.84 -26.71
C PHE A 246 -27.35 17.94 -28.22
N GLY A 249 -30.89 19.95 -32.53
CA GLY A 249 -31.27 21.14 -31.80
C GLY A 249 -32.74 21.14 -31.43
N THR A 250 -33.44 20.07 -31.79
CA THR A 250 -34.86 19.96 -31.50
C THR A 250 -35.11 19.49 -30.07
N THR A 251 -34.07 19.57 -29.24
CA THR A 251 -34.19 19.18 -27.83
C THR A 251 -34.75 20.33 -27.00
N VAL A 252 -36.02 20.63 -27.21
CA VAL A 252 -36.67 21.73 -26.52
C VAL A 252 -36.66 21.56 -25.00
N GLU A 253 -37.41 20.58 -24.50
CA GLU A 253 -37.48 20.33 -23.07
C GLU A 253 -37.55 18.82 -22.81
N ASP A 254 -36.91 18.06 -23.69
CA ASP A 254 -36.89 16.60 -23.58
C ASP A 254 -35.84 16.15 -22.57
N LEU A 255 -35.66 16.94 -21.51
CA LEU A 255 -34.68 16.63 -20.48
C LEU A 255 -35.33 16.07 -19.23
N LYS A 256 -36.50 16.62 -18.88
CA LYS A 256 -37.22 16.17 -17.69
C LYS A 256 -37.77 14.77 -17.86
N ARG A 257 -37.76 14.27 -19.09
CA ARG A 257 -38.22 12.91 -19.39
C ARG A 257 -37.05 11.94 -19.49
N ASN A 258 -35.91 12.34 -18.93
CA ASN A 258 -34.73 11.49 -18.93
C ASN A 258 -34.05 11.42 -17.56
N GLY A 259 -34.54 12.24 -16.63
CA GLY A 259 -34.03 12.23 -15.28
C GLY A 259 -33.15 13.42 -14.94
N ILE A 260 -33.30 14.50 -15.70
CA ILE A 260 -32.53 15.71 -15.44
C ILE A 260 -33.30 16.66 -14.53
N THR A 261 -32.70 16.98 -13.39
CA THR A 261 -33.33 17.85 -12.40
C THR A 261 -32.27 18.59 -11.59
N ASP A 262 -32.71 19.56 -10.81
CA ASP A 262 -31.81 20.28 -9.91
C ASP A 262 -31.41 19.36 -8.76
N GLU A 263 -31.96 18.14 -8.78
CA GLU A 263 -31.64 17.13 -7.79
C GLU A 263 -30.74 16.05 -8.37
N VAL A 264 -30.78 15.89 -9.69
CA VAL A 264 -29.97 14.90 -10.37
C VAL A 264 -29.25 15.50 -11.58
N PRO A 265 -28.18 16.26 -11.33
CA PRO A 265 -27.38 16.91 -12.39
C PRO A 265 -26.76 15.92 -13.36
N PRO A 266 -26.65 16.30 -14.64
CA PRO A 266 -26.07 15.48 -15.69
C PRO A 266 -24.55 15.65 -15.79
N VAL A 267 -23.85 14.54 -16.00
CA VAL A 267 -22.41 14.57 -16.20
C VAL A 267 -22.05 13.84 -17.49
N TYR A 268 -20.86 14.09 -18.02
CA TYR A 268 -20.42 13.44 -19.24
C TYR A 268 -18.99 12.93 -19.12
N VAL A 269 -18.73 11.75 -19.67
CA VAL A 269 -17.39 11.18 -19.62
C VAL A 269 -16.46 11.96 -20.54
N SER A 270 -15.54 12.70 -19.93
CA SER A 270 -14.64 13.57 -20.69
C SER A 270 -13.43 12.81 -21.24
N SER A 271 -12.75 12.08 -20.36
CA SER A 271 -11.55 11.34 -20.76
C SER A 271 -11.64 9.88 -20.34
N VAL A 272 -11.28 8.98 -21.25
CA VAL A 272 -11.26 7.56 -20.96
C VAL A 272 -9.88 6.96 -21.25
N SER A 273 -9.28 6.38 -20.22
CA SER A 273 -7.95 5.79 -20.36
C SER A 273 -8.03 4.30 -20.68
N TYR A 274 -7.34 3.89 -21.74
CA TYR A 274 -7.32 2.50 -22.18
C TYR A 274 -5.94 1.88 -22.06
N GLY A 275 -5.86 0.77 -21.34
CA GLY A 275 -4.61 0.05 -21.14
C GLY A 275 -4.84 -1.27 -20.42
N ARG A 276 -3.91 -1.62 -19.53
CA ARG A 276 -4.02 -2.84 -18.74
C ARG A 276 -4.11 -2.53 -17.25
N SER A 277 -5.20 -2.94 -16.61
CA SER A 277 -5.35 -2.72 -15.18
C SER A 277 -5.02 -4.00 -14.41
N MET A 278 -4.12 -3.87 -13.44
CA MET A 278 -3.67 -5.02 -12.67
C MET A 278 -3.68 -4.73 -11.16
N PHE A 279 -4.69 -5.25 -10.47
CA PHE A 279 -4.77 -5.08 -9.03
C PHE A 279 -4.09 -6.25 -8.31
N ILE A 280 -2.93 -5.98 -7.75
CA ILE A 280 -2.11 -7.04 -7.15
C ILE A 280 -2.13 -7.01 -5.63
N LYS A 281 -2.25 -8.18 -5.02
CA LYS A 281 -2.20 -8.31 -3.57
C LYS A 281 -0.92 -9.05 -3.16
N LEU A 282 -0.10 -8.39 -2.35
CA LEU A 282 1.17 -8.98 -1.92
C LEU A 282 1.18 -9.25 -0.43
N GLU A 283 1.28 -10.52 -0.05
CA GLU A 283 1.38 -10.87 1.36
C GLU A 283 2.74 -11.49 1.71
N THR A 284 3.24 -11.11 2.88
CA THR A 284 4.52 -11.61 3.37
C THR A 284 4.51 -11.69 4.90
N SER A 285 5.17 -12.71 5.44
CA SER A 285 5.23 -12.91 6.88
C SER A 285 6.37 -12.11 7.51
N SER A 286 6.82 -11.09 6.79
CA SER A 286 7.91 -10.24 7.28
C SER A 286 7.44 -9.34 8.41
N ARG A 287 8.39 -8.60 8.99
CA ARG A 287 8.06 -7.66 10.06
C ARG A 287 7.75 -6.27 9.51
N SER A 288 7.77 -5.28 10.38
CA SER A 288 7.45 -3.91 9.99
C SER A 288 8.71 -3.12 9.67
N THR A 289 9.69 -3.78 9.05
CA THR A 289 10.95 -3.13 8.71
C THR A 289 11.30 -3.31 7.23
N GLN A 290 11.28 -2.21 6.49
CA GLN A 290 11.67 -2.19 5.09
C GLN A 290 10.65 -2.85 4.16
N VAL A 291 9.51 -3.23 4.71
CA VAL A 291 8.47 -3.88 3.93
C VAL A 291 7.98 -3.02 2.76
N GLN A 292 7.52 -1.81 3.06
CA GLN A 292 7.03 -0.89 2.04
C GLN A 292 8.01 -0.84 0.86
N ALA A 293 9.22 -0.39 1.15
CA ALA A 293 10.28 -0.30 0.15
C ALA A 293 10.47 -1.62 -0.58
N ALA A 294 10.52 -2.72 0.19
CA ALA A 294 10.66 -4.04 -0.40
C ALA A 294 9.60 -4.28 -1.47
N PHE A 295 8.33 -4.15 -1.07
CA PHE A 295 7.22 -4.35 -1.99
C PHE A 295 7.28 -3.40 -3.19
N LYS A 296 7.37 -2.11 -2.92
CA LYS A 296 7.41 -1.11 -3.99
C LYS A 296 8.53 -1.42 -4.99
N ALA A 297 9.75 -1.50 -4.48
CA ALA A 297 10.91 -1.80 -5.31
C ALA A 297 10.71 -3.12 -6.05
N ALA A 298 10.10 -4.08 -5.38
CA ALA A 298 9.82 -5.38 -5.98
C ALA A 298 8.90 -5.24 -7.19
N ILE A 299 7.75 -4.60 -6.98
CA ILE A 299 6.79 -4.37 -8.05
C ILE A 299 7.41 -3.56 -9.18
N LYS A 300 8.22 -2.57 -8.82
CA LYS A 300 8.88 -1.75 -9.82
C LYS A 300 9.96 -2.54 -10.57
N GLY A 301 10.35 -3.67 -10.01
CA GLY A 301 11.32 -4.55 -10.64
C GLY A 301 12.55 -3.82 -11.15
N VAL A 302 13.30 -3.22 -10.24
CA VAL A 302 14.49 -2.46 -10.60
C VAL A 302 15.77 -3.20 -10.21
N ASP A 303 15.77 -4.52 -10.42
CA ASP A 303 16.90 -5.39 -10.09
C ASP A 303 17.27 -5.36 -8.60
N ILE A 304 16.30 -4.98 -7.77
CA ILE A 304 16.50 -4.91 -6.33
C ILE A 304 17.23 -6.12 -5.77
N SER A 305 17.02 -7.28 -6.39
CA SER A 305 17.67 -8.52 -5.97
C SER A 305 19.15 -8.31 -5.69
N GLY A 306 19.82 -7.58 -6.59
CA GLY A 306 21.23 -7.27 -6.41
C GLY A 306 21.45 -6.36 -5.20
N ASN A 307 22.32 -6.81 -4.30
CA ASN A 307 22.60 -6.06 -3.08
C ASN A 307 21.35 -5.85 -2.24
N ALA A 308 20.50 -6.87 -2.19
CA ALA A 308 19.27 -6.81 -1.40
C ALA A 308 19.54 -7.26 0.04
N GLU A 309 19.72 -6.30 0.94
CA GLU A 309 20.01 -6.59 2.34
C GLU A 309 19.02 -7.61 2.90
N TYR A 310 17.80 -7.18 3.13
CA TYR A 310 16.76 -8.06 3.66
C TYR A 310 15.80 -8.46 2.56
N GLN A 311 16.06 -9.59 1.93
CA GLN A 311 15.23 -10.07 0.82
C GLN A 311 14.35 -11.24 1.26
N ASP A 312 14.41 -11.57 2.54
CA ASP A 312 13.57 -12.62 3.11
C ASP A 312 12.10 -12.36 2.79
N ILE A 313 11.75 -11.07 2.73
CA ILE A 313 10.39 -10.69 2.39
C ILE A 313 10.08 -11.08 0.95
N LEU A 314 11.05 -10.91 0.06
CA LEU A 314 10.88 -11.27 -1.34
C LEU A 314 10.94 -12.78 -1.52
N LYS A 315 11.61 -13.47 -0.61
CA LYS A 315 11.61 -14.92 -0.62
C LYS A 315 10.36 -15.43 0.09
N ASN A 316 9.64 -14.51 0.73
CA ASN A 316 8.40 -14.84 1.40
C ASN A 316 7.21 -14.03 0.87
N THR A 317 7.33 -13.57 -0.37
CA THR A 317 6.28 -12.77 -1.00
C THR A 317 5.29 -13.63 -1.79
N SER A 318 4.17 -13.93 -1.16
CA SER A 318 3.10 -14.66 -1.84
C SER A 318 2.04 -13.68 -2.32
N PHE A 319 1.73 -13.73 -3.62
CA PHE A 319 0.86 -12.73 -4.21
C PHE A 319 -0.40 -13.31 -4.83
N SER A 320 -1.35 -12.42 -5.13
CA SER A 320 -2.55 -12.80 -5.86
C SER A 320 -3.04 -11.57 -6.63
N ALA A 321 -3.09 -11.70 -7.96
CA ALA A 321 -3.39 -10.55 -8.81
C ALA A 321 -4.66 -10.71 -9.63
N TYR A 322 -5.43 -9.63 -9.70
CA TYR A 322 -6.60 -9.55 -10.56
C TYR A 322 -6.29 -8.62 -11.72
N ILE A 323 -6.18 -9.18 -12.92
CA ILE A 323 -5.75 -8.39 -14.08
C ILE A 323 -6.83 -8.34 -15.16
N PHE A 324 -6.87 -7.23 -15.89
CA PHE A 324 -7.73 -7.13 -17.06
C PHE A 324 -7.24 -6.08 -18.06
N GLY A 325 -7.33 -6.41 -19.34
CA GLY A 325 -6.85 -5.54 -20.40
C GLY A 325 -5.58 -6.08 -21.03
N GLY A 326 -5.35 -5.72 -22.29
CA GLY A 326 -4.16 -6.14 -23.00
C GLY A 326 -4.25 -7.55 -23.55
N ASP A 327 -4.12 -8.54 -22.67
CA ASP A 327 -4.18 -9.93 -23.07
C ASP A 327 -5.51 -10.28 -23.72
N ALA A 328 -6.58 -9.64 -23.23
CA ALA A 328 -7.91 -9.88 -23.75
C ALA A 328 -8.83 -8.69 -23.50
N GLY A 329 -9.81 -8.50 -24.39
CA GLY A 329 -10.77 -7.43 -24.24
C GLY A 329 -12.16 -7.96 -23.95
N SER A 330 -12.23 -9.00 -23.12
CA SER A 330 -13.49 -9.64 -22.80
C SER A 330 -13.62 -9.94 -21.31
N ALA A 331 -12.77 -10.83 -20.81
CA ALA A 331 -12.83 -11.24 -19.42
C ALA A 331 -11.53 -10.93 -18.67
N ALA A 332 -11.59 -11.02 -17.34
CA ALA A 332 -10.42 -10.75 -16.51
C ALA A 332 -9.73 -12.04 -16.09
N THR A 333 -8.53 -11.92 -15.53
CA THR A 333 -7.76 -13.08 -15.11
C THR A 333 -7.23 -12.93 -13.69
N VAL A 334 -7.44 -13.97 -12.88
CA VAL A 334 -6.95 -13.99 -11.51
C VAL A 334 -5.78 -14.97 -11.37
N VAL A 335 -4.66 -14.49 -10.84
CA VAL A 335 -3.49 -15.34 -10.70
C VAL A 335 -2.85 -15.22 -9.31
N SER A 336 -2.92 -16.29 -8.54
CA SER A 336 -2.25 -16.36 -7.25
C SER A 336 -0.94 -17.13 -7.40
N GLY A 337 0.07 -16.75 -6.63
CA GLY A 337 1.35 -17.43 -6.71
C GLY A 337 2.47 -16.77 -5.93
N ASN A 338 3.68 -16.87 -6.47
CA ASN A 338 4.87 -16.43 -5.77
C ASN A 338 5.51 -15.17 -6.38
N ILE A 339 6.34 -14.51 -5.59
CA ILE A 339 7.10 -13.34 -6.05
C ILE A 339 7.56 -13.45 -7.51
N GLU A 340 8.37 -14.45 -7.81
CA GLU A 340 8.90 -14.63 -9.17
C GLU A 340 7.76 -14.67 -10.19
N THR A 341 6.78 -15.51 -9.92
CA THR A 341 5.60 -15.62 -10.77
C THR A 341 5.01 -14.24 -11.01
N LEU A 342 4.99 -13.42 -9.95
CA LEU A 342 4.51 -12.05 -10.07
C LEU A 342 5.40 -11.22 -10.99
N LYS A 343 6.70 -11.27 -10.76
CA LYS A 343 7.66 -10.57 -11.61
C LYS A 343 7.43 -10.93 -13.06
N LYS A 344 7.61 -12.21 -13.38
CA LYS A 344 7.44 -12.69 -14.75
C LYS A 344 6.04 -12.42 -15.27
N ILE A 345 5.07 -12.32 -14.37
CA ILE A 345 3.69 -12.08 -14.78
C ILE A 345 3.51 -10.62 -15.21
N ILE A 346 4.11 -9.71 -14.46
CA ILE A 346 4.03 -8.29 -14.82
C ILE A 346 4.90 -8.02 -16.04
N GLU A 347 6.07 -8.65 -16.09
CA GLU A 347 6.98 -8.47 -17.22
C GLU A 347 6.38 -9.08 -18.49
N GLU A 348 5.72 -10.22 -18.33
CA GLU A 348 5.06 -10.89 -19.45
C GLU A 348 3.67 -10.31 -19.68
N GLY A 349 3.27 -9.39 -18.81
CA GLY A 349 1.97 -8.74 -18.94
C GLY A 349 2.10 -7.30 -19.40
N ALA A 350 3.34 -6.80 -19.43
CA ALA A 350 3.60 -5.42 -19.80
C ALA A 350 3.80 -5.26 -21.31
N ARG A 351 4.86 -5.89 -21.83
CA ARG A 351 5.19 -5.75 -23.24
C ARG A 351 4.87 -7.02 -24.05
N TYR A 352 3.82 -7.72 -23.65
CA TYR A 352 3.39 -8.92 -24.35
C TYR A 352 1.98 -8.72 -24.91
N GLY A 353 1.29 -7.71 -24.37
CA GLY A 353 -0.06 -7.39 -24.83
C GLY A 353 -0.06 -6.75 -26.20
N LYS A 354 -1.06 -5.92 -26.46
CA LYS A 354 -1.17 -5.24 -27.75
C LYS A 354 -1.79 -3.86 -27.62
N LEU A 355 -1.89 -3.16 -28.74
CA LEU A 355 -2.46 -1.82 -28.77
C LEU A 355 -3.70 -1.79 -29.67
N ASN A 356 -3.80 -2.76 -30.56
CA ASN A 356 -4.93 -2.86 -31.48
C ASN A 356 -6.24 -2.44 -30.83
N LEU A 357 -6.60 -3.12 -29.75
CA LEU A 357 -7.82 -2.81 -29.01
C LEU A 357 -7.66 -3.15 -27.53
N GLY A 358 -7.73 -2.13 -26.68
CA GLY A 358 -7.60 -2.32 -25.25
C GLY A 358 -8.93 -2.22 -24.54
N VAL A 359 -8.91 -2.32 -23.22
CA VAL A 359 -10.13 -2.25 -22.42
C VAL A 359 -10.06 -1.05 -21.47
N PRO A 360 -11.20 -0.39 -21.24
CA PRO A 360 -11.25 0.75 -20.32
C PRO A 360 -10.82 0.32 -18.92
N ILE A 361 -9.83 1.00 -18.35
CA ILE A 361 -9.38 0.67 -17.01
C ILE A 361 -9.51 1.86 -16.06
N SER A 362 -9.78 3.03 -16.62
CA SER A 362 -10.01 4.24 -15.83
C SER A 362 -10.67 5.31 -16.69
N TYR A 363 -11.45 6.18 -16.06
CA TYR A 363 -12.18 7.22 -16.79
C TYR A 363 -12.46 8.44 -15.91
N SER A 364 -12.85 9.54 -16.54
CA SER A 364 -13.20 10.76 -15.81
C SER A 364 -14.41 11.43 -16.45
N THR A 365 -15.20 12.11 -15.62
CA THR A 365 -16.41 12.78 -16.09
C THR A 365 -16.48 14.22 -15.60
N ASN A 366 -17.25 15.04 -16.31
CA ASN A 366 -17.45 16.44 -15.92
C ASN A 366 -18.94 16.79 -15.89
N PHE A 367 -19.31 17.67 -14.97
CA PHE A 367 -20.69 18.14 -14.88
C PHE A 367 -21.04 18.91 -16.15
N VAL A 368 -22.24 18.67 -16.68
CA VAL A 368 -22.65 19.28 -17.94
C VAL A 368 -22.81 20.80 -17.81
N LYS A 369 -23.18 21.27 -16.62
CA LYS A 369 -23.43 22.69 -16.40
C LYS A 369 -22.17 23.54 -16.57
N ASP A 370 -21.23 23.41 -15.63
CA ASP A 370 -20.04 24.25 -15.61
C ASP A 370 -18.78 23.50 -16.03
N ASN A 371 -18.96 22.31 -16.59
CA ASN A 371 -17.83 21.48 -17.01
C ASN A 371 -16.81 21.24 -15.90
N ARG A 372 -17.27 21.27 -14.66
CA ARG A 372 -16.40 20.98 -13.52
C ARG A 372 -16.11 19.49 -13.40
N PRO A 373 -14.85 19.14 -13.09
CA PRO A 373 -14.47 17.75 -12.86
C PRO A 373 -15.27 17.15 -11.71
N ALA A 374 -15.99 16.06 -12.01
CA ALA A 374 -16.78 15.38 -10.99
C ALA A 374 -15.87 14.64 -10.02
N GLN A 375 -15.39 15.35 -8.99
CA GLN A 375 -14.46 14.78 -8.02
C GLN A 375 -15.19 14.04 -6.91
N ILE A 376 -15.17 12.72 -6.96
CA ILE A 376 -15.72 11.90 -5.89
C ILE A 376 -14.84 12.02 -4.65
N LEU A 377 -15.47 12.28 -3.51
CA LEU A 377 -14.77 12.35 -2.24
C LEU A 377 -15.13 11.13 -1.39
N SER A 378 -14.18 10.67 -0.59
CA SER A 378 -14.41 9.50 0.24
C SER A 378 -13.51 9.49 1.46
N ASN A 379 -14.12 9.38 2.64
CA ASN A 379 -13.38 9.32 3.90
C ASN A 379 -13.53 7.97 4.57
N SER A 380 -12.51 7.54 5.30
CA SER A 380 -12.57 6.27 6.01
C SER A 380 -11.54 6.15 7.12
N GLU A 381 -12.00 6.08 8.36
CA GLU A 381 -11.12 5.81 9.49
C GLU A 381 -10.79 4.33 9.53
N TYR A 382 -9.58 4.00 9.97
CA TYR A 382 -9.14 2.61 10.03
C TYR A 382 -8.09 2.41 11.13
N ILE A 383 -7.66 1.17 11.31
CA ILE A 383 -6.67 0.85 12.32
C ILE A 383 -5.37 0.37 11.70
N GLU A 384 -4.29 1.14 11.90
CA GLU A 384 -2.98 0.71 11.47
C GLU A 384 -2.34 -0.14 12.55
N THR A 385 -2.12 -1.42 12.24
CA THR A 385 -1.56 -2.36 13.19
C THR A 385 -0.10 -2.66 12.86
N THR A 386 0.80 -2.13 13.68
CA THR A 386 2.23 -2.36 13.49
C THR A 386 2.84 -3.11 14.68
N SER A 387 3.54 -4.20 14.38
CA SER A 387 4.19 -5.00 15.40
C SER A 387 5.70 -4.92 15.26
N THR A 388 6.41 -5.27 16.33
CA THR A 388 7.87 -5.22 16.31
C THR A 388 8.47 -6.42 17.04
N VAL A 389 9.48 -7.03 16.44
CA VAL A 389 10.13 -8.19 17.04
C VAL A 389 11.42 -7.80 17.74
N HIS A 390 11.60 -8.29 18.96
CA HIS A 390 12.82 -8.02 19.72
C HIS A 390 13.46 -9.32 20.21
N ASN A 391 14.55 -9.71 19.55
CA ASN A 391 15.22 -10.98 19.82
C ASN A 391 15.77 -11.10 21.25
N SER A 392 15.99 -12.33 21.68
CA SER A 392 16.64 -12.59 22.95
C SER A 392 18.07 -12.08 22.93
N SER A 393 18.72 -12.06 24.10
CA SER A 393 20.11 -11.62 24.19
C SER A 393 20.89 -12.51 25.15
N ALA A 394 22.08 -12.94 24.72
CA ALA A 394 22.88 -13.87 25.51
C ALA A 394 24.16 -13.25 26.05
N LEU A 395 24.34 -13.33 27.37
CA LEU A 395 25.53 -12.79 28.01
C LEU A 395 26.27 -13.86 28.81
N THR A 396 27.39 -14.33 28.26
CA THR A 396 28.20 -15.35 28.91
C THR A 396 29.25 -14.73 29.83
N LEU A 397 29.38 -15.32 31.02
CA LEU A 397 30.33 -14.83 32.02
C LEU A 397 31.33 -15.92 32.39
N ASP A 398 32.62 -15.61 32.26
CA ASP A 398 33.68 -16.56 32.57
C ASP A 398 34.69 -15.98 33.57
N HIS A 399 34.93 -16.72 34.64
CA HIS A 399 35.85 -16.28 35.69
C HIS A 399 37.07 -17.18 35.81
N SER A 400 38.24 -16.62 35.49
CA SER A 400 39.51 -17.33 35.56
C SER A 400 40.54 -16.46 36.28
N GLY A 401 40.27 -16.18 37.54
CA GLY A 401 41.18 -15.38 38.34
C GLY A 401 41.63 -16.11 39.58
N ALA A 402 42.89 -15.92 39.95
CA ALA A 402 43.41 -16.46 41.20
C ALA A 402 42.84 -15.68 42.36
N TYR A 403 41.52 -15.52 42.35
CA TYR A 403 40.83 -14.71 43.34
C TYR A 403 39.34 -15.00 43.42
N VAL A 404 38.62 -14.11 44.09
CA VAL A 404 37.18 -14.18 44.21
C VAL A 404 36.56 -12.95 43.58
N ALA A 405 35.64 -13.15 42.64
CA ALA A 405 35.07 -12.04 41.88
C ALA A 405 33.59 -11.80 42.18
N LYS A 406 33.28 -10.58 42.61
CA LYS A 406 31.90 -10.17 42.81
C LYS A 406 31.26 -9.82 41.47
N TYR A 407 30.15 -10.48 41.16
CA TYR A 407 29.40 -10.16 39.94
C TYR A 407 28.21 -9.28 40.25
N ASN A 408 27.83 -8.44 39.29
CA ASN A 408 26.70 -7.53 39.48
C ASN A 408 26.20 -6.96 38.16
N ILE A 409 25.23 -7.64 37.55
CA ILE A 409 24.66 -7.20 36.28
C ILE A 409 23.17 -6.92 36.38
N THR A 410 22.75 -5.81 35.77
CA THR A 410 21.36 -5.36 35.90
C THR A 410 20.78 -4.83 34.59
N TRP A 411 19.46 -4.68 34.56
CA TRP A 411 18.75 -4.13 33.41
C TRP A 411 17.29 -3.89 33.77
N GLU A 412 16.48 -3.58 32.77
CA GLU A 412 15.04 -3.36 32.99
C GLU A 412 14.20 -3.96 31.87
N GLU A 413 13.01 -4.42 32.21
CA GLU A 413 12.15 -5.10 31.25
C GLU A 413 10.86 -4.32 30.96
N VAL A 414 10.45 -4.33 29.69
CA VAL A 414 9.25 -3.62 29.27
C VAL A 414 7.98 -4.38 29.63
N SER A 415 7.07 -3.71 30.32
CA SER A 415 5.78 -4.29 30.65
C SER A 415 4.66 -3.46 30.05
N TYR A 416 3.93 -4.03 29.11
CA TYR A 416 2.84 -3.33 28.45
C TYR A 416 1.50 -3.59 29.12
N ASN A 417 1.22 -2.87 30.20
CA ASN A 417 -0.05 -2.97 30.90
C ASN A 417 -1.16 -2.27 30.12
N GLU A 418 -2.30 -2.06 30.77
CA GLU A 418 -3.43 -1.39 30.13
C GLU A 418 -3.08 0.03 29.72
N ALA A 419 -3.96 0.64 28.94
CA ALA A 419 -3.73 1.99 28.41
C ALA A 419 -2.61 2.01 27.37
N GLY A 420 -2.02 0.85 27.13
CA GLY A 420 -0.97 0.72 26.13
C GLY A 420 0.27 1.55 26.45
N GLU A 421 0.48 1.82 27.74
CA GLU A 421 1.63 2.62 28.16
C GLU A 421 2.75 1.73 28.67
N GLU A 422 3.98 2.07 28.30
CA GLU A 422 5.15 1.28 28.68
C GLU A 422 5.37 1.28 30.18
N VAL A 423 5.82 0.13 30.70
CA VAL A 423 6.14 0.00 32.12
C VAL A 423 7.47 -0.70 32.31
N TRP A 424 8.55 0.08 32.35
CA TRP A 424 9.88 -0.49 32.58
C TRP A 424 10.06 -0.93 34.03
N GLU A 425 10.34 -2.22 34.21
CA GLU A 425 10.50 -2.81 35.52
C GLU A 425 11.96 -3.19 35.78
N PRO A 426 12.45 -2.87 36.98
CA PRO A 426 13.83 -3.17 37.39
C PRO A 426 14.11 -4.67 37.41
N LYS A 427 15.31 -5.05 36.97
CA LYS A 427 15.73 -6.45 36.97
C LYS A 427 17.23 -6.54 37.21
N ALA A 428 17.65 -7.55 37.97
CA ALA A 428 19.07 -7.76 38.26
C ALA A 428 19.38 -9.24 38.31
N TRP A 429 20.64 -9.60 38.04
CA TRP A 429 21.02 -11.00 38.07
C TRP A 429 20.78 -11.63 39.44
N ASP A 430 20.18 -12.82 39.46
CA ASP A 430 19.83 -13.49 40.70
C ASP A 430 21.04 -13.76 41.58
N LYS A 431 22.23 -13.80 40.98
CA LYS A 431 23.45 -14.05 41.71
C LYS A 431 24.25 -12.76 41.92
N ASN A 432 23.60 -11.62 41.64
CA ASN A 432 24.22 -10.33 41.88
C ASN A 432 24.74 -10.21 43.30
N GLY A 433 25.83 -9.46 43.46
CA GLY A 433 26.47 -9.34 44.75
C GLY A 433 27.23 -10.60 45.10
N VAL A 434 26.94 -11.67 44.38
CA VAL A 434 27.62 -12.94 44.63
C VAL A 434 29.07 -12.91 44.16
N ASN A 435 29.94 -13.52 44.98
CA ASN A 435 31.37 -13.60 44.68
C ASN A 435 31.78 -15.03 44.35
N LEU A 436 32.43 -15.21 43.21
CA LEU A 436 32.78 -16.53 42.73
C LEU A 436 34.28 -16.80 42.86
N THR A 437 34.64 -18.03 43.20
CA THR A 437 36.02 -18.38 43.47
C THR A 437 36.74 -18.93 42.24
N SER A 438 38.01 -18.56 42.08
CA SER A 438 38.86 -19.15 41.04
C SER A 438 38.20 -19.17 39.67
N HIS A 439 37.72 -20.34 39.25
CA HIS A 439 37.11 -20.49 37.94
C HIS A 439 35.60 -20.67 38.01
N TRP A 440 34.89 -20.01 37.10
CA TRP A 440 33.44 -20.10 37.03
C TRP A 440 32.96 -19.77 35.62
N SER A 441 31.71 -20.12 35.31
CA SER A 441 31.16 -19.83 33.99
C SER A 441 29.63 -19.93 33.99
N GLU A 442 28.98 -18.93 33.39
CA GLU A 442 27.52 -18.98 33.24
C GLU A 442 27.01 -18.06 32.13
N THR A 443 26.20 -18.62 31.24
CA THR A 443 25.54 -17.85 30.20
C THR A 443 24.19 -17.36 30.71
N ILE A 444 23.84 -16.12 30.39
CA ILE A 444 22.59 -15.55 30.85
C ILE A 444 21.70 -15.10 29.68
N GLN A 445 20.40 -15.28 29.85
CA GLN A 445 19.43 -14.99 28.79
C GLN A 445 18.57 -13.77 29.10
N ILE A 446 19.02 -12.61 28.65
CA ILE A 446 18.24 -11.38 28.76
C ILE A 446 17.14 -11.38 27.71
N PRO A 447 15.88 -11.20 28.15
CA PRO A 447 14.73 -11.23 27.24
C PRO A 447 14.75 -10.09 26.23
N GLY A 448 13.96 -10.21 25.17
CA GLY A 448 13.88 -9.19 24.14
C GLY A 448 13.25 -7.90 24.64
N ASN A 449 12.32 -8.03 25.58
CA ASN A 449 11.66 -6.86 26.15
C ASN A 449 12.51 -6.17 27.20
N ALA A 450 13.83 -6.31 27.08
CA ALA A 450 14.74 -5.70 28.04
C ALA A 450 15.62 -4.65 27.39
N ARG A 451 16.12 -3.73 28.20
CA ARG A 451 17.01 -2.67 27.73
C ARG A 451 17.80 -2.07 28.89
N ASN A 452 18.74 -1.19 28.58
CA ASN A 452 19.58 -0.56 29.59
C ASN A 452 20.37 -1.59 30.40
N LEU A 453 21.12 -2.43 29.71
CA LEU A 453 21.95 -3.44 30.36
C LEU A 453 23.20 -2.84 30.97
N HIS A 454 23.51 -3.23 32.19
CA HIS A 454 24.74 -2.79 32.84
C HIS A 454 25.45 -3.94 33.53
N VAL A 455 26.77 -4.00 33.33
CA VAL A 455 27.60 -5.06 33.90
C VAL A 455 28.68 -4.48 34.81
N ASN A 456 28.71 -4.98 36.04
CA ASN A 456 29.71 -4.57 37.02
C ASN A 456 30.31 -5.77 37.74
N ILE A 457 31.58 -6.05 37.47
CA ILE A 457 32.29 -7.14 38.12
C ILE A 457 33.54 -6.64 38.83
N GLN A 458 33.71 -7.06 40.08
CA GLN A 458 34.83 -6.63 40.90
C GLN A 458 35.64 -7.84 41.36
N GLU A 459 36.87 -7.59 41.81
CA GLU A 459 37.75 -8.67 42.26
C GLU A 459 38.29 -8.40 43.66
N CYS A 460 38.26 -9.43 44.51
CA CYS A 460 38.72 -9.31 45.88
C CYS A 460 40.24 -9.28 45.96
N THR A 461 40.78 -8.32 46.72
CA THR A 461 42.21 -8.20 46.88
C THR A 461 42.60 -8.48 48.33
N GLY A 462 43.85 -8.89 48.53
CA GLY A 462 44.35 -9.20 49.85
C GLY A 462 44.59 -7.96 50.70
N LEU A 463 44.23 -6.80 50.15
CA LEU A 463 44.41 -5.52 50.83
C LEU A 463 43.27 -5.26 51.81
N ALA A 464 43.58 -4.60 52.92
CA ALA A 464 42.57 -4.25 53.91
C ALA A 464 41.95 -2.90 53.60
N TRP A 465 42.76 -2.00 53.04
CA TRP A 465 42.28 -0.68 52.66
C TRP A 465 41.44 -0.72 51.40
N GLU A 466 41.99 -1.32 50.34
CA GLU A 466 41.24 -1.53 49.11
C GLU A 466 40.85 -2.99 49.00
N TRP A 467 39.99 -3.44 49.92
CA TRP A 467 39.59 -4.84 49.98
C TRP A 467 39.00 -5.32 48.66
N TRP A 468 38.09 -4.52 48.10
CA TRP A 468 37.49 -4.85 46.81
C TRP A 468 37.96 -3.89 45.73
N ARG A 469 38.39 -4.44 44.60
CA ARG A 469 38.84 -3.64 43.47
C ARG A 469 37.95 -3.85 42.26
N THR A 470 37.29 -2.79 41.82
CA THR A 470 36.44 -2.85 40.64
C THR A 470 37.24 -3.26 39.41
N VAL A 471 36.79 -4.29 38.72
CA VAL A 471 37.50 -4.83 37.57
C VAL A 471 36.86 -4.39 36.25
N TYR A 472 35.53 -4.36 36.24
CA TYR A 472 34.81 -4.02 35.01
C TYR A 472 33.47 -3.38 35.37
N ASP A 473 33.09 -2.34 34.63
CA ASP A 473 31.86 -1.61 34.91
C ASP A 473 31.40 -0.85 33.68
N LYS A 474 30.40 -1.39 32.98
CA LYS A 474 29.98 -0.77 31.72
C LYS A 474 28.48 -0.91 31.43
N ASP A 475 27.94 0.08 30.75
CA ASP A 475 26.63 -0.03 30.13
C ASP A 475 26.81 -0.76 28.81
N LEU A 476 26.08 -1.85 28.61
CA LEU A 476 26.26 -2.66 27.41
C LEU A 476 25.01 -2.74 26.55
N PRO A 477 25.20 -2.65 25.23
CA PRO A 477 24.13 -2.86 24.25
C PRO A 477 23.69 -4.31 24.27
N LEU A 478 22.40 -4.56 24.11
CA LEU A 478 21.88 -5.92 24.12
C LEU A 478 22.13 -6.64 22.79
N VAL A 479 23.40 -6.83 22.47
CA VAL A 479 23.77 -7.52 21.25
C VAL A 479 23.41 -9.00 21.34
N GLY A 480 23.43 -9.69 20.20
CA GLY A 480 23.07 -11.10 20.15
C GLY A 480 23.74 -11.93 21.22
N GLN A 481 25.04 -12.15 21.07
CA GLN A 481 25.82 -12.92 22.04
C GLN A 481 27.04 -12.14 22.49
N ARG A 482 27.25 -12.05 23.79
CA ARG A 482 28.44 -11.38 24.32
C ARG A 482 29.11 -12.16 25.44
N LYS A 483 30.40 -12.42 25.29
CA LYS A 483 31.16 -13.16 26.28
C LYS A 483 32.11 -12.25 27.04
N ILE A 484 32.04 -12.30 28.37
CA ILE A 484 32.94 -11.55 29.23
C ILE A 484 33.77 -12.48 30.08
N THR A 485 35.08 -12.46 29.86
CA THR A 485 35.99 -13.36 30.57
C THR A 485 36.99 -12.59 31.42
N ILE A 486 36.86 -12.70 32.74
CA ILE A 486 37.85 -12.15 33.64
C ILE A 486 38.88 -13.23 33.92
N TRP A 487 40.09 -12.83 34.29
CA TRP A 487 41.15 -13.79 34.56
C TRP A 487 42.38 -13.07 35.12
N GLY A 488 43.26 -13.82 35.77
CA GLY A 488 44.53 -13.24 36.19
C GLY A 488 44.76 -13.16 37.69
N THR A 489 45.60 -12.22 38.10
CA THR A 489 46.04 -12.15 39.49
C THR A 489 45.33 -11.07 40.30
N THR A 490 45.27 -11.29 41.62
CA THR A 490 44.64 -10.34 42.54
C THR A 490 45.34 -8.97 42.48
N LEU A 491 46.65 -8.98 42.32
CA LEU A 491 47.42 -7.74 42.19
C LEU A 491 47.28 -7.19 40.78
N TYR A 492 46.68 -7.99 39.90
CA TYR A 492 46.43 -7.55 38.53
C TYR A 492 45.37 -8.42 37.84
N PRO A 493 44.12 -7.95 37.84
CA PRO A 493 43.02 -8.58 37.12
C PRO A 493 43.00 -8.14 35.66
N GLN A 494 42.72 -9.08 34.77
CA GLN A 494 42.64 -8.79 33.34
C GLN A 494 41.33 -9.33 32.79
N TYR A 495 40.60 -8.50 32.04
CA TYR A 495 39.30 -8.90 31.52
C TYR A 495 39.28 -9.01 30.00
N ALA A 496 38.18 -9.51 29.47
CA ALA A 496 38.00 -9.63 28.03
C ALA A 496 36.52 -9.56 27.66
N ASP A 497 36.16 -8.52 26.92
CA ASP A 497 34.78 -8.31 26.48
C ASP A 497 34.66 -8.59 24.98
N GLU A 498 34.02 -9.69 24.63
CA GLU A 498 33.90 -10.08 23.23
C GLU A 498 32.45 -10.20 22.78
N VAL A 499 32.21 -9.92 21.50
CA VAL A 499 30.87 -9.99 20.95
C VAL A 499 30.82 -10.93 19.74
N ILE A 500 29.81 -11.79 19.72
CA ILE A 500 29.65 -12.78 18.66
C ILE A 500 28.31 -12.62 17.95
N GLU A 501 28.09 -13.40 16.90
CA GLU A 501 26.84 -13.34 16.14
C GLU A 501 26.08 -14.66 16.17
N LEU A 502 25.09 -14.79 15.30
CA LEU A 502 24.30 -16.01 15.20
C LEU A 502 23.96 -16.35 13.76
N GLU A 503 23.12 -17.37 13.57
CA GLU A 503 22.74 -17.84 12.24
C GLU A 503 23.95 -18.38 11.47
F7 CFH B . -0.98 -15.82 -17.12
C1 CFH B . -0.61 -14.83 -17.92
F5 CFH B . 0.25 -14.06 -17.28
F6 CFH B . -0.06 -15.32 -19.00
C2 CFH B . -1.85 -14.01 -18.30
O4 CFH B . -2.65 -13.80 -17.12
C3 CFH B . -1.43 -12.68 -18.88
F10 CFH B . -0.50 -12.85 -19.78
F8 CFH B . -0.97 -11.90 -17.92
F9 CFH B . -2.48 -12.10 -19.43
C1 HTO C . 32.43 -22.71 41.04
O1 HTO C . 33.66 -22.26 40.46
C2 HTO C . 32.19 -21.98 42.34
O2 HTO C . 33.11 -20.88 42.45
C3 HTO C . 30.76 -21.47 42.43
O3 HTO C . 30.56 -20.80 43.68
C4 HTO C . 29.76 -22.61 42.30
C5 HTO C . 28.35 -22.07 42.03
C6 HTO C . 28.08 -21.96 40.55
C7 HTO C . 27.02 -20.92 40.26
#